data_3VUK
#
_entry.id   3VUK
#
_cell.length_a   169.555
_cell.length_b   169.555
_cell.length_c   87.275
_cell.angle_alpha   90.00
_cell.angle_beta   90.00
_cell.angle_gamma   90.00
#
_symmetry.space_group_name_H-M   'I 4 2 2'
#
loop_
_entity.id
_entity.type
_entity.pdbx_description
1 polymer 'Mitogen-activated protein kinase 8'
2 polymer 'Peptide from C-Jun-amino-terminal kinase-interacting protein 1'
3 non-polymer 'SULFATE ION'
4 water water
#
loop_
_entity_poly.entity_id
_entity_poly.type
_entity_poly.pdbx_seq_one_letter_code
_entity_poly.pdbx_strand_id
1 'polypeptide(L)'
;MSRSKRDNNFYSVEIGDSTFTVLKRYQNLKPIGSGAQGIVCAAYDAILERNVAIKKLSRPFQNQTHAKRAYRELVLMKVV
NHKNIIGLLNVFTPQKSLEEFQDVYIVMELMDANLSQVIQMELDHERMSYLLYQMLVGIKHLHSAGIIHRDLKPSNIVVK
SDATLKILDFGLARTAGTSFMMTPYVVTRYYRAPEVILGMGYKENVDIWSVGCIMGEMIKGGVLFPGTDHIDQWNKVIEQ
LGTPSPEFMKKLQPTVRTYVENRPKYAGYSFEKLFPDVLFPADSEHNKLKASQARDLLSKMLVIDASKRISVDEALQHPY
INVWYDPSEAEAPPPKIPDKQLDEREHTIEEWKELIYKEVMDLEHHHHHH
;
A
2 'polypeptide(L)' RPKRPTTLNLF F
#
loop_
_chem_comp.id
_chem_comp.type
_chem_comp.name
_chem_comp.formula
SO4 non-polymer 'SULFATE ION' 'O4 S -2'
#
# COMPACT_ATOMS: atom_id res chain seq x y z
N ASP A 7 -13.35 32.77 18.85
CA ASP A 7 -12.91 32.60 20.26
C ASP A 7 -11.95 31.39 20.49
N ASN A 8 -12.21 30.27 19.82
CA ASN A 8 -11.33 29.10 19.94
C ASN A 8 -10.60 28.74 18.64
N ASN A 9 -9.54 27.92 18.74
CA ASN A 9 -8.68 27.56 17.58
C ASN A 9 -9.22 26.39 16.74
N PHE A 10 -9.70 25.34 17.40
CA PHE A 10 -10.41 24.24 16.77
C PHE A 10 -11.93 24.51 16.74
N TYR A 11 -12.71 23.46 16.49
CA TYR A 11 -14.19 23.52 16.39
C TYR A 11 -14.70 22.20 15.80
N SER A 12 -16.01 21.97 15.87
CA SER A 12 -16.51 20.67 15.47
C SER A 12 -17.66 20.63 14.48
N VAL A 13 -17.61 19.64 13.58
CA VAL A 13 -18.75 19.28 12.73
C VAL A 13 -19.07 17.79 12.93
N GLU A 14 -20.37 17.51 12.98
CA GLU A 14 -20.88 16.14 13.08
C GLU A 14 -20.93 15.59 11.69
N ILE A 15 -20.13 14.56 11.41
CA ILE A 15 -20.29 13.89 10.13
C ILE A 15 -20.90 12.55 10.38
N GLY A 16 -22.21 12.48 10.11
CA GLY A 16 -23.04 11.34 10.47
C GLY A 16 -23.02 11.22 11.98
N ASP A 17 -22.35 10.20 12.47
CA ASP A 17 -22.27 9.98 13.90
C ASP A 17 -20.90 10.29 14.43
N SER A 18 -19.95 10.51 13.54
CA SER A 18 -18.61 10.82 13.98
C SER A 18 -18.41 12.31 14.00
N THR A 19 -17.67 12.72 15.04
CA THR A 19 -17.38 14.12 15.28
C THR A 19 -15.96 14.42 14.86
N PHE A 20 -15.82 15.37 13.93
CA PHE A 20 -14.52 15.94 13.62
C PHE A 20 -14.36 17.30 14.32
N THR A 21 -13.22 17.45 15.02
CA THR A 21 -12.86 18.67 15.72
C THR A 21 -11.53 19.11 15.16
N VAL A 22 -11.54 20.22 14.44
CA VAL A 22 -10.45 20.55 13.52
C VAL A 22 -10.27 22.05 13.43
N LEU A 23 -9.12 22.48 12.91
CA LEU A 23 -8.81 23.88 12.87
C LEU A 23 -9.73 24.61 11.93
N LYS A 24 -10.15 25.76 12.40
CA LYS A 24 -11.07 26.60 11.66
C LYS A 24 -10.66 26.75 10.20
N ARG A 25 -9.40 26.45 9.90
CA ARG A 25 -8.88 26.57 8.53
C ARG A 25 -9.48 25.54 7.59
N TYR A 26 -9.84 24.41 8.17
CA TYR A 26 -10.34 23.28 7.42
C TYR A 26 -11.85 23.36 7.49
N GLN A 27 -12.49 23.31 6.34
CA GLN A 27 -13.94 23.51 6.27
C GLN A 27 -14.57 22.69 5.16
N ASN A 28 -15.88 22.46 5.30
CA ASN A 28 -16.66 21.71 4.32
C ASN A 28 -16.27 20.24 4.27
N LEU A 29 -16.30 19.55 5.41
CA LEU A 29 -15.88 18.16 5.38
C LEU A 29 -16.94 17.29 4.69
N LYS A 30 -16.47 16.46 3.76
CA LYS A 30 -17.21 15.33 3.18
C LYS A 30 -16.53 14.05 3.74
N PRO A 31 -17.27 12.93 3.81
CA PRO A 31 -16.59 11.69 4.18
C PRO A 31 -16.03 11.04 2.93
N ILE A 32 -14.91 10.31 3.03
CA ILE A 32 -14.30 9.72 1.83
C ILE A 32 -13.84 8.27 1.88
N GLY A 33 -13.43 7.77 3.04
CA GLY A 33 -13.00 6.36 3.15
C GLY A 33 -12.45 6.01 4.53
N SER A 34 -11.80 4.86 4.63
CA SER A 34 -11.18 4.47 5.89
C SER A 34 -9.75 4.00 5.72
N GLY A 35 -8.87 4.52 6.58
CA GLY A 35 -7.52 3.97 6.72
C GLY A 35 -7.60 2.69 7.52
N ALA A 36 -6.46 2.01 7.68
CA ALA A 36 -6.39 0.87 8.58
C ALA A 36 -7.18 1.26 9.83
N GLN A 37 -6.72 2.32 10.48
CA GLN A 37 -7.44 3.00 11.55
C GLN A 37 -8.03 4.32 11.02
N GLY A 38 -9.08 4.82 11.67
CA GLY A 38 -9.70 6.13 11.34
C GLY A 38 -10.64 6.28 10.13
N ILE A 39 -11.76 6.97 10.30
CA ILE A 39 -12.49 7.55 9.17
C ILE A 39 -11.66 8.75 8.68
N VAL A 40 -11.98 9.24 7.49
CA VAL A 40 -11.19 10.22 6.77
C VAL A 40 -12.07 11.16 5.97
N CYS A 41 -11.85 12.46 6.13
CA CYS A 41 -12.63 13.45 5.40
C CYS A 41 -11.80 14.18 4.37
N ALA A 42 -12.44 14.49 3.25
CA ALA A 42 -11.89 15.52 2.39
C ALA A 42 -12.33 16.81 3.02
N ALA A 43 -11.50 17.83 2.87
CA ALA A 43 -11.73 19.15 3.46
C ALA A 43 -11.09 20.18 2.60
N TYR A 44 -11.65 21.38 2.61
CA TYR A 44 -11.00 22.50 1.98
C TYR A 44 -10.17 23.23 3.02
N ASP A 45 -8.90 23.43 2.70
CA ASP A 45 -8.01 24.19 3.56
C ASP A 45 -7.95 25.65 3.08
N ALA A 46 -8.73 26.49 3.73
CA ALA A 46 -8.93 27.87 3.30
C ALA A 46 -7.63 28.62 3.23
N ILE A 47 -6.75 28.35 4.21
CA ILE A 47 -5.45 29.03 4.27
C ILE A 47 -4.64 28.80 3.00
N LEU A 48 -4.18 27.57 2.80
CA LEU A 48 -3.35 27.20 1.66
C LEU A 48 -4.20 27.17 0.40
N GLU A 49 -5.50 27.42 0.55
CA GLU A 49 -6.44 27.45 -0.58
C GLU A 49 -6.40 26.22 -1.48
N ARG A 50 -6.43 25.04 -0.88
CA ARG A 50 -6.40 23.77 -1.64
C ARG A 50 -7.14 22.65 -0.93
N ASN A 51 -7.54 21.64 -1.70
CA ASN A 51 -8.15 20.47 -1.11
C ASN A 51 -7.21 19.64 -0.27
N VAL A 52 -7.69 19.14 0.86
CA VAL A 52 -6.85 18.28 1.70
C VAL A 52 -7.65 17.11 2.17
N ALA A 53 -6.94 16.16 2.77
CA ALA A 53 -7.57 14.98 3.30
C ALA A 53 -7.13 14.84 4.73
N ILE A 54 -8.07 14.44 5.59
CA ILE A 54 -7.88 14.49 7.03
C ILE A 54 -8.35 13.22 7.65
N LYS A 55 -7.50 12.62 8.50
CA LYS A 55 -7.74 11.28 9.01
C LYS A 55 -7.95 11.29 10.52
N LYS A 56 -9.18 11.23 10.97
CA LYS A 56 -9.37 11.24 12.42
C LYS A 56 -9.03 9.88 12.99
N LEU A 57 -8.11 9.90 13.94
CA LEU A 57 -7.67 8.70 14.64
C LEU A 57 -8.18 8.71 16.09
N SER A 58 -9.21 7.92 16.38
CA SER A 58 -9.86 7.97 17.70
C SER A 58 -9.16 7.16 18.78
N ARG A 59 -9.18 7.72 19.99
CA ARG A 59 -8.24 7.40 21.10
C ARG A 59 -7.26 6.23 20.87
N PRO A 60 -6.25 6.44 20.01
CA PRO A 60 -5.38 5.37 19.50
C PRO A 60 -4.74 4.52 20.59
N PHE A 61 -4.39 5.14 21.71
CA PHE A 61 -3.77 4.44 22.83
C PHE A 61 -4.76 3.55 23.57
N GLN A 62 -5.97 3.45 23.02
CA GLN A 62 -7.00 2.55 23.54
C GLN A 62 -6.58 1.08 23.51
N ASN A 63 -5.45 0.79 22.89
CA ASN A 63 -5.16 -0.56 22.45
C ASN A 63 -3.75 -0.64 21.89
N GLN A 64 -2.99 -1.65 22.29
CA GLN A 64 -1.63 -1.88 21.75
C GLN A 64 -1.61 -1.63 20.25
N THR A 65 -2.45 -2.37 19.52
CA THR A 65 -2.69 -2.16 18.09
C THR A 65 -2.80 -0.68 17.71
N HIS A 66 -3.95 -0.09 18.00
CA HIS A 66 -4.25 1.27 17.59
C HIS A 66 -3.12 2.17 17.97
N ALA A 67 -2.54 1.92 19.13
CA ALA A 67 -1.38 2.67 19.57
C ALA A 67 -0.24 2.44 18.59
N LYS A 68 0.26 1.21 18.53
CA LYS A 68 1.31 0.83 17.60
C LYS A 68 1.06 1.40 16.19
N ARG A 69 -0.10 1.10 15.60
CA ARG A 69 -0.37 1.47 14.19
C ARG A 69 -0.39 2.98 14.00
N ALA A 70 -0.80 3.68 15.06
CA ALA A 70 -0.81 5.12 15.05
C ALA A 70 0.62 5.62 15.07
N TYR A 71 1.39 5.19 16.06
CA TYR A 71 2.76 5.65 16.19
C TYR A 71 3.40 5.58 14.83
N ARG A 72 3.31 4.39 14.23
CA ARG A 72 3.84 4.13 12.90
C ARG A 72 3.46 5.24 11.96
N GLU A 73 2.17 5.38 11.69
CA GLU A 73 1.75 6.40 10.76
C GLU A 73 2.40 7.76 11.04
N LEU A 74 2.30 8.24 12.28
CA LEU A 74 2.94 9.52 12.65
C LEU A 74 4.43 9.61 12.31
N VAL A 75 5.19 8.68 12.85
CA VAL A 75 6.59 8.51 12.52
C VAL A 75 6.74 8.57 11.00
N LEU A 76 6.13 7.61 10.32
CA LEU A 76 6.33 7.38 8.89
C LEU A 76 5.77 8.43 7.98
N MET A 77 4.72 9.11 8.43
CA MET A 77 4.22 10.24 7.71
C MET A 77 5.14 11.46 7.77
N LYS A 78 5.92 11.60 8.85
CA LYS A 78 6.87 12.71 8.93
C LYS A 78 8.19 12.38 8.25
N VAL A 79 8.73 11.22 8.58
CA VAL A 79 10.06 10.87 8.17
C VAL A 79 10.19 10.65 6.64
N VAL A 80 9.15 10.09 6.03
CA VAL A 80 9.15 9.76 4.60
C VAL A 80 8.80 10.96 3.74
N ASN A 81 9.65 11.27 2.76
CA ASN A 81 9.27 12.30 1.78
C ASN A 81 9.69 11.92 0.38
N HIS A 82 8.71 11.87 -0.51
CA HIS A 82 8.92 11.32 -1.82
C HIS A 82 7.77 11.64 -2.72
N LYS A 83 8.12 11.83 -4.00
CA LYS A 83 7.18 12.12 -5.07
C LYS A 83 6.03 11.11 -5.09
N ASN A 84 6.33 9.85 -4.75
CA ASN A 84 5.34 8.77 -4.85
C ASN A 84 4.72 8.26 -3.55
N ILE A 85 5.07 8.87 -2.42
CA ILE A 85 4.41 8.56 -1.15
C ILE A 85 3.57 9.75 -0.77
N ILE A 86 2.33 9.48 -0.35
CA ILE A 86 1.38 10.52 0.03
C ILE A 86 1.96 11.47 1.07
N GLY A 87 1.63 12.76 0.96
CA GLY A 87 2.40 13.76 1.68
C GLY A 87 1.80 14.27 2.95
N LEU A 88 2.60 14.28 4.01
CA LEU A 88 2.23 15.00 5.22
C LEU A 88 2.12 16.53 5.01
N LEU A 89 0.99 17.07 5.44
CA LEU A 89 0.71 18.47 5.34
C LEU A 89 0.65 19.06 6.72
N ASN A 90 -0.10 18.41 7.60
CA ASN A 90 -0.26 18.94 8.91
C ASN A 90 -0.72 17.89 9.91
N VAL A 91 -0.46 18.14 11.19
CA VAL A 91 -0.95 17.25 12.23
C VAL A 91 -1.30 18.07 13.45
N PHE A 92 -2.15 17.48 14.32
CA PHE A 92 -2.64 18.15 15.53
C PHE A 92 -3.53 17.28 16.39
N THR A 93 -3.72 17.72 17.63
CA THR A 93 -4.77 17.23 18.54
C THR A 93 -5.55 18.43 19.03
N PRO A 94 -6.84 18.26 19.33
CA PRO A 94 -7.57 19.43 19.85
C PRO A 94 -7.39 19.60 21.37
N GLN A 95 -7.54 18.50 22.11
CA GLN A 95 -7.14 18.45 23.53
C GLN A 95 -5.82 19.20 23.81
N LYS A 96 -5.86 20.08 24.80
CA LYS A 96 -4.75 20.98 25.06
C LYS A 96 -3.84 20.55 26.20
N SER A 97 -3.82 19.25 26.49
CA SER A 97 -3.12 18.70 27.67
C SER A 97 -3.13 17.19 27.65
N LEU A 98 -1.96 16.56 27.84
CA LEU A 98 -1.90 15.09 27.93
C LEU A 98 -3.02 14.46 28.77
N GLU A 99 -3.26 15.03 29.93
CA GLU A 99 -4.41 14.67 30.76
C GLU A 99 -5.66 14.39 29.89
N GLU A 100 -6.09 15.43 29.19
CA GLU A 100 -7.32 15.53 28.41
C GLU A 100 -7.39 14.67 27.12
N PHE A 101 -6.22 14.31 26.59
CA PHE A 101 -6.02 13.81 25.22
C PHE A 101 -6.75 12.54 24.78
N GLN A 102 -7.25 12.55 23.54
CA GLN A 102 -7.81 11.34 22.91
C GLN A 102 -7.66 11.23 21.37
N ASP A 103 -7.84 12.33 20.67
CA ASP A 103 -7.90 12.28 19.21
C ASP A 103 -6.73 12.94 18.47
N VAL A 104 -6.20 12.23 17.47
CA VAL A 104 -5.21 12.80 16.57
C VAL A 104 -5.81 13.06 15.21
N TYR A 105 -5.28 14.05 14.53
CA TYR A 105 -5.69 14.28 13.18
C TYR A 105 -4.48 14.46 12.27
N ILE A 106 -4.51 13.78 11.14
CA ILE A 106 -3.44 13.90 10.20
C ILE A 106 -3.99 14.49 8.95
N VAL A 107 -3.37 15.57 8.53
CA VAL A 107 -3.75 16.19 7.28
C VAL A 107 -2.69 15.87 6.25
N MET A 108 -3.16 15.42 5.10
CA MET A 108 -2.30 14.94 4.05
C MET A 108 -2.88 15.33 2.70
N GLU A 109 -2.09 15.20 1.65
CA GLU A 109 -2.52 15.64 0.33
C GLU A 109 -3.70 14.79 -0.12
N LEU A 110 -4.62 15.41 -0.86
CA LEU A 110 -5.76 14.69 -1.45
C LEU A 110 -5.62 14.51 -2.97
N MET A 111 -5.59 13.25 -3.41
CA MET A 111 -5.51 12.94 -4.85
C MET A 111 -6.87 12.81 -5.54
N ASP A 112 -6.85 12.54 -6.84
CA ASP A 112 -8.09 12.55 -7.58
C ASP A 112 -8.87 11.28 -7.39
N ALA A 113 -8.21 10.12 -7.45
CA ALA A 113 -8.92 8.85 -7.21
C ALA A 113 -7.96 7.77 -6.74
N ASN A 114 -8.50 6.60 -6.43
CA ASN A 114 -7.68 5.43 -6.13
C ASN A 114 -7.70 4.56 -7.39
N LEU A 115 -7.03 3.40 -7.41
CA LEU A 115 -7.00 2.56 -8.64
C LEU A 115 -8.29 1.93 -9.14
N SER A 116 -9.28 1.80 -8.26
CA SER A 116 -10.50 0.97 -8.47
C SER A 116 -10.98 0.56 -9.89
N GLN A 117 -11.17 1.41 -10.92
CA GLN A 117 -11.33 2.85 -11.01
C GLN A 117 -10.64 3.09 -12.32
N VAL A 118 -9.33 3.22 -12.25
CA VAL A 118 -8.47 3.13 -13.40
C VAL A 118 -8.51 1.70 -13.92
N ILE A 119 -8.55 0.76 -12.98
CA ILE A 119 -8.56 -0.64 -13.31
C ILE A 119 -9.65 -1.00 -14.30
N GLN A 120 -10.76 -0.29 -14.23
CA GLN A 120 -11.86 -0.59 -15.12
C GLN A 120 -11.56 -0.18 -16.55
N MET A 121 -10.93 0.97 -16.75
CA MET A 121 -10.70 1.44 -18.11
C MET A 121 -9.60 0.68 -18.80
N GLU A 122 -9.45 0.90 -20.10
CA GLU A 122 -8.48 0.15 -20.89
C GLU A 122 -7.23 0.97 -21.18
N LEU A 123 -6.27 0.90 -20.27
CA LEU A 123 -5.03 1.65 -20.41
C LEU A 123 -4.12 1.14 -21.51
N ASP A 124 -3.18 1.99 -21.90
CA ASP A 124 -2.21 1.66 -22.94
C ASP A 124 -0.81 1.62 -22.34
N HIS A 125 0.05 0.79 -22.91
CA HIS A 125 1.24 0.33 -22.24
C HIS A 125 2.00 1.36 -21.46
N GLU A 126 2.13 2.55 -22.05
CA GLU A 126 2.94 3.61 -21.47
C GLU A 126 2.34 3.92 -20.11
N ARG A 127 1.04 4.18 -20.12
CA ARG A 127 0.27 4.39 -18.91
C ARG A 127 0.47 3.30 -17.86
N MET A 128 0.21 2.06 -18.22
CA MET A 128 0.37 0.99 -17.24
C MET A 128 1.77 0.97 -16.71
N SER A 129 2.70 0.82 -17.65
CA SER A 129 4.10 0.66 -17.32
C SER A 129 4.53 1.79 -16.41
N TYR A 130 4.11 3.01 -16.76
CA TYR A 130 4.40 4.20 -15.97
C TYR A 130 3.88 4.09 -14.53
N LEU A 131 2.58 3.88 -14.38
CA LEU A 131 1.99 3.82 -13.06
C LEU A 131 2.78 2.80 -12.30
N LEU A 132 2.96 1.66 -12.94
CA LEU A 132 3.68 0.58 -12.32
C LEU A 132 4.97 1.15 -11.77
N TYR A 133 5.67 1.82 -12.68
CA TYR A 133 6.99 2.32 -12.40
C TYR A 133 6.90 3.13 -11.12
N GLN A 134 5.81 3.86 -10.98
CA GLN A 134 5.72 4.85 -9.93
C GLN A 134 5.51 4.15 -8.63
N MET A 135 4.47 3.34 -8.55
CA MET A 135 4.32 2.49 -7.41
C MET A 135 5.71 1.99 -7.00
N LEU A 136 6.37 1.32 -7.92
CA LEU A 136 7.59 0.65 -7.58
C LEU A 136 8.58 1.57 -6.87
N VAL A 137 8.88 2.69 -7.52
CA VAL A 137 9.87 3.62 -7.04
C VAL A 137 9.49 4.01 -5.63
N GLY A 138 8.17 4.09 -5.44
CA GLY A 138 7.57 4.48 -4.18
C GLY A 138 7.94 3.42 -3.18
N ILE A 139 7.60 2.19 -3.54
CA ILE A 139 7.93 1.05 -2.71
C ILE A 139 9.45 0.97 -2.49
N LYS A 140 10.23 1.02 -3.56
CA LYS A 140 11.70 1.11 -3.42
C LYS A 140 12.10 2.07 -2.29
N HIS A 141 11.56 3.28 -2.32
CA HIS A 141 11.92 4.28 -1.35
C HIS A 141 11.70 3.83 0.09
N LEU A 142 10.51 3.31 0.38
CA LEU A 142 10.20 2.70 1.68
C LEU A 142 11.13 1.54 2.08
N HIS A 143 11.47 0.71 1.11
CA HIS A 143 12.33 -0.43 1.40
C HIS A 143 13.66 0.08 1.77
N SER A 144 14.13 1.08 1.03
CA SER A 144 15.49 1.62 1.21
C SER A 144 15.74 2.05 2.65
N ALA A 145 14.74 1.86 3.50
CA ALA A 145 14.85 2.11 4.92
C ALA A 145 14.14 0.97 5.64
N GLY A 146 14.11 -0.20 5.00
CA GLY A 146 13.72 -1.43 5.66
C GLY A 146 12.24 -1.67 5.79
N ILE A 147 11.48 -0.58 5.66
CA ILE A 147 10.03 -0.63 5.80
C ILE A 147 9.35 -1.37 4.66
N ILE A 148 8.49 -2.33 5.00
CA ILE A 148 7.68 -3.10 4.09
C ILE A 148 6.24 -2.65 4.25
N HIS A 149 5.56 -2.36 3.16
CA HIS A 149 4.26 -1.70 3.25
C HIS A 149 3.24 -2.66 3.73
N ARG A 150 3.26 -3.85 3.13
CA ARG A 150 2.40 -4.95 3.56
C ARG A 150 0.96 -4.94 3.07
N ASP A 151 0.39 -3.78 2.77
CA ASP A 151 -1.02 -3.79 2.31
C ASP A 151 -1.27 -3.08 0.99
N LEU A 152 -0.37 -3.25 0.02
CA LEU A 152 -0.59 -2.60 -1.26
C LEU A 152 -1.81 -3.20 -1.94
N LYS A 153 -2.74 -2.33 -2.34
CA LYS A 153 -3.94 -2.74 -3.02
C LYS A 153 -4.51 -1.48 -3.66
N PRO A 154 -5.32 -1.67 -4.70
CA PRO A 154 -5.95 -0.53 -5.36
C PRO A 154 -6.41 0.61 -4.43
N SER A 155 -6.89 0.29 -3.23
CA SER A 155 -7.44 1.28 -2.33
C SER A 155 -6.37 2.12 -1.67
N ASN A 156 -5.16 1.60 -1.59
CA ASN A 156 -4.06 2.32 -0.95
C ASN A 156 -3.24 3.13 -1.91
N ILE A 157 -3.51 2.93 -3.19
CA ILE A 157 -2.85 3.65 -4.23
C ILE A 157 -3.68 4.73 -4.87
N VAL A 158 -3.13 5.93 -4.93
CA VAL A 158 -3.90 7.06 -5.47
C VAL A 158 -3.32 7.68 -6.72
N VAL A 159 -4.19 8.12 -7.60
CA VAL A 159 -3.77 8.80 -8.80
C VAL A 159 -4.29 10.25 -8.91
N LYS A 160 -3.80 10.96 -9.93
CA LYS A 160 -4.24 12.30 -10.30
C LYS A 160 -4.26 12.33 -11.80
N SER A 161 -4.92 13.33 -12.38
CA SER A 161 -5.18 13.35 -13.83
C SER A 161 -4.03 13.89 -14.60
N ASP A 162 -3.03 14.41 -13.91
CA ASP A 162 -1.74 14.64 -14.55
C ASP A 162 -0.95 13.34 -14.63
N ALA A 163 -1.68 12.23 -14.50
CA ALA A 163 -1.15 10.87 -14.59
C ALA A 163 -0.12 10.46 -13.53
N THR A 164 -0.09 11.15 -12.40
CA THR A 164 0.87 10.83 -11.34
C THR A 164 0.28 9.88 -10.26
N LEU A 165 1.14 9.23 -9.48
CA LEU A 165 0.67 8.20 -8.49
C LEU A 165 1.34 8.27 -7.11
N LYS A 166 0.53 8.05 -6.07
CA LYS A 166 1.10 7.99 -4.73
C LYS A 166 0.60 6.79 -3.91
N ILE A 167 1.56 6.12 -3.26
CA ILE A 167 1.33 5.12 -2.21
C ILE A 167 0.81 5.84 -0.97
N LEU A 168 0.09 5.13 -0.13
CA LEU A 168 -0.56 5.72 1.01
C LEU A 168 -0.90 4.67 2.09
N ASP A 169 -1.17 5.14 3.32
CA ASP A 169 -1.53 4.30 4.49
C ASP A 169 -0.40 3.41 5.03
N PHE A 170 0.16 3.84 6.16
CA PHE A 170 1.36 3.23 6.69
C PHE A 170 1.15 2.43 7.96
N GLY A 171 -0.10 2.39 8.45
CA GLY A 171 -0.46 1.76 9.74
C GLY A 171 -0.11 0.29 9.97
N LEU A 172 0.29 -0.35 8.90
CA LEU A 172 0.37 -1.78 8.79
C LEU A 172 1.82 -2.13 8.52
N ALA A 173 2.55 -1.13 8.05
CA ALA A 173 3.96 -1.21 7.64
C ALA A 173 4.93 -1.50 8.80
N ARG A 174 6.00 -2.25 8.52
CA ARG A 174 7.08 -2.54 9.50
C ARG A 174 8.28 -3.22 8.83
N THR A 175 9.05 -4.00 9.59
CA THR A 175 10.09 -4.89 9.05
C THR A 175 9.73 -6.37 9.28
N ALA A 176 10.58 -7.27 8.76
CA ALA A 176 10.31 -8.73 8.57
C ALA A 176 9.39 -9.51 9.54
N GLY A 177 8.79 -10.60 9.04
CA GLY A 177 7.91 -11.49 9.82
C GLY A 177 8.47 -12.91 9.94
N THR A 178 7.88 -13.79 10.76
CA THR A 178 6.70 -13.51 11.61
C THR A 178 7.07 -12.65 12.84
N SER A 179 6.59 -13.03 14.02
CA SER A 179 6.75 -12.24 15.27
C SER A 179 6.03 -10.88 15.19
N THR A 183 -0.30 -10.64 14.04
CA THR A 183 -1.67 -11.09 13.76
C THR A 183 -1.85 -11.43 12.27
N PRO A 184 -2.35 -12.66 11.99
CA PRO A 184 -2.31 -13.19 10.61
C PRO A 184 -3.25 -12.54 9.56
N TYR A 185 -4.46 -12.18 9.98
CA TYR A 185 -5.52 -11.82 9.02
C TYR A 185 -5.69 -10.33 8.85
N VAL A 186 -4.61 -9.60 9.11
CA VAL A 186 -4.66 -8.14 9.03
C VAL A 186 -4.47 -7.55 7.62
N VAL A 187 -3.78 -8.26 6.73
CA VAL A 187 -3.59 -7.78 5.36
C VAL A 187 -4.65 -8.32 4.41
N THR A 188 -5.16 -7.47 3.52
CA THR A 188 -6.30 -7.79 2.65
C THR A 188 -6.19 -9.13 1.90
N ARG A 189 -7.22 -9.95 2.04
CA ARG A 189 -7.28 -11.26 1.43
C ARG A 189 -6.73 -11.44 0.02
N TYR A 190 -7.27 -10.76 -0.99
CA TYR A 190 -6.93 -11.07 -2.40
C TYR A 190 -5.51 -10.73 -2.80
N TYR A 191 -4.78 -10.13 -1.87
CA TYR A 191 -3.49 -9.57 -2.14
C TYR A 191 -2.43 -10.22 -1.31
N ARG A 192 -2.83 -11.20 -0.50
CA ARG A 192 -1.87 -11.88 0.40
C ARG A 192 -0.89 -12.77 -0.38
N ALA A 193 0.38 -12.61 -0.06
CA ALA A 193 1.34 -13.48 -0.62
C ALA A 193 1.16 -14.84 0.06
N PRO A 194 1.58 -15.91 -0.62
CA PRO A 194 1.69 -17.22 -0.04
C PRO A 194 2.26 -17.21 1.38
N GLU A 195 3.37 -16.50 1.56
CA GLU A 195 4.07 -16.47 2.84
C GLU A 195 3.21 -15.85 3.91
N VAL A 196 2.13 -15.19 3.51
CA VAL A 196 1.22 -14.59 4.47
C VAL A 196 -0.05 -15.39 4.57
N ILE A 197 -0.51 -15.94 3.46
CA ILE A 197 -1.59 -16.90 3.52
C ILE A 197 -1.14 -18.06 4.37
N LEU A 198 0.05 -18.57 4.11
CA LEU A 198 0.48 -19.79 4.82
C LEU A 198 1.29 -19.52 6.08
N GLY A 199 1.36 -18.25 6.47
CA GLY A 199 2.03 -17.84 7.70
C GLY A 199 3.48 -18.29 7.88
N MET A 200 4.31 -18.00 6.88
CA MET A 200 5.74 -18.26 6.96
C MET A 200 6.53 -17.06 7.40
N GLY A 201 5.88 -15.91 7.53
CA GLY A 201 6.61 -14.65 7.72
C GLY A 201 7.16 -14.11 6.40
N TYR A 202 7.65 -12.88 6.41
CA TYR A 202 7.84 -12.14 5.17
C TYR A 202 9.14 -11.32 5.10
N LYS A 203 9.62 -11.11 3.86
CA LYS A 203 10.72 -10.19 3.54
C LYS A 203 10.12 -9.14 2.62
N GLU A 204 10.85 -8.06 2.37
CA GLU A 204 10.34 -6.98 1.51
C GLU A 204 9.59 -7.46 0.28
N ASN A 205 10.20 -8.32 -0.53
CA ASN A 205 9.55 -8.75 -1.79
C ASN A 205 8.11 -9.28 -1.64
N VAL A 206 7.63 -9.31 -0.40
CA VAL A 206 6.23 -9.60 -0.14
C VAL A 206 5.37 -8.54 -0.85
N ASP A 207 5.82 -7.28 -0.79
CA ASP A 207 5.18 -6.17 -1.49
C ASP A 207 5.09 -6.40 -3.02
N ILE A 208 6.10 -7.09 -3.55
CA ILE A 208 6.11 -7.44 -4.96
C ILE A 208 4.95 -8.37 -5.31
N TRP A 209 4.62 -9.28 -4.39
CA TRP A 209 3.47 -10.11 -4.61
C TRP A 209 2.30 -9.18 -4.83
N SER A 210 2.14 -8.24 -3.90
CA SER A 210 1.03 -7.33 -3.97
C SER A 210 1.05 -6.68 -5.33
N VAL A 211 2.21 -6.19 -5.74
CA VAL A 211 2.27 -5.50 -7.01
C VAL A 211 1.68 -6.36 -8.12
N GLY A 212 2.13 -7.61 -8.19
CA GLY A 212 1.76 -8.50 -9.27
C GLY A 212 0.25 -8.64 -9.42
N CYS A 213 -0.44 -8.67 -8.27
CA CYS A 213 -1.88 -8.82 -8.28
C CYS A 213 -2.52 -7.58 -8.83
N ILE A 214 -1.96 -6.44 -8.46
CA ILE A 214 -2.46 -5.17 -8.95
C ILE A 214 -2.27 -5.05 -10.46
N MET A 215 -1.06 -5.28 -10.92
CA MET A 215 -0.82 -5.22 -12.36
C MET A 215 -1.80 -6.14 -13.06
N GLY A 216 -1.87 -7.38 -12.57
CA GLY A 216 -2.72 -8.39 -13.15
C GLY A 216 -4.15 -7.94 -13.17
N GLU A 217 -4.61 -7.40 -12.07
CA GLU A 217 -5.98 -6.97 -11.93
C GLU A 217 -6.24 -5.86 -12.92
N MET A 218 -5.26 -4.97 -13.06
CA MET A 218 -5.35 -3.86 -13.99
C MET A 218 -5.68 -4.40 -15.35
N ILE A 219 -4.93 -5.42 -15.75
CA ILE A 219 -5.07 -6.06 -17.04
C ILE A 219 -6.33 -6.89 -17.14
N LYS A 220 -6.61 -7.68 -16.10
CA LYS A 220 -7.68 -8.69 -16.13
C LYS A 220 -9.02 -7.98 -16.08
N GLY A 221 -9.07 -6.81 -15.46
CA GLY A 221 -10.33 -6.10 -15.29
C GLY A 221 -11.05 -6.39 -13.98
N GLY A 222 -10.68 -7.48 -13.32
CA GLY A 222 -11.25 -7.83 -12.02
C GLY A 222 -10.17 -8.45 -11.14
N VAL A 223 -10.50 -8.77 -9.89
CA VAL A 223 -9.50 -9.25 -8.93
C VAL A 223 -8.78 -10.53 -9.40
N LEU A 224 -7.47 -10.61 -9.14
CA LEU A 224 -6.65 -11.69 -9.72
C LEU A 224 -6.95 -13.02 -9.12
N PHE A 225 -6.84 -13.10 -7.80
CA PHE A 225 -7.26 -14.31 -7.11
C PHE A 225 -8.30 -13.85 -6.11
N PRO A 226 -9.60 -14.01 -6.43
CA PRO A 226 -10.68 -13.86 -5.43
C PRO A 226 -10.39 -14.69 -4.17
N GLY A 227 -11.33 -15.54 -3.75
CA GLY A 227 -11.08 -16.34 -2.58
C GLY A 227 -12.20 -15.98 -1.67
N THR A 228 -13.04 -16.96 -1.42
CA THR A 228 -14.33 -16.75 -0.80
C THR A 228 -14.17 -16.62 0.69
N ASP A 229 -12.94 -16.84 1.17
CA ASP A 229 -12.58 -16.85 2.59
C ASP A 229 -11.09 -17.07 2.60
N HIS A 230 -10.50 -16.99 3.80
CA HIS A 230 -9.04 -16.97 3.86
C HIS A 230 -8.37 -18.20 3.40
N ILE A 231 -9.08 -19.33 3.46
CA ILE A 231 -8.47 -20.60 3.09
C ILE A 231 -8.71 -20.85 1.63
N ASP A 232 -9.91 -20.50 1.16
CA ASP A 232 -10.21 -20.64 -0.26
C ASP A 232 -9.15 -19.94 -1.08
N GLN A 233 -8.85 -18.70 -0.70
CA GLN A 233 -7.80 -17.90 -1.30
C GLN A 233 -6.65 -18.75 -1.86
N TRP A 234 -6.14 -19.64 -1.04
CA TRP A 234 -5.04 -20.46 -1.42
C TRP A 234 -5.37 -21.32 -2.63
N ASN A 235 -6.63 -21.80 -2.76
CA ASN A 235 -6.96 -22.56 -3.95
C ASN A 235 -6.77 -21.65 -5.16
N LYS A 236 -7.39 -20.47 -5.08
CA LYS A 236 -7.37 -19.54 -6.18
C LYS A 236 -5.94 -19.37 -6.67
N VAL A 237 -5.03 -19.07 -5.75
CA VAL A 237 -3.65 -18.97 -6.17
C VAL A 237 -3.20 -20.21 -6.94
N ILE A 238 -3.35 -21.39 -6.33
CA ILE A 238 -2.80 -22.58 -6.97
C ILE A 238 -3.63 -23.06 -8.14
N GLU A 239 -4.95 -22.82 -8.07
CA GLU A 239 -5.79 -23.02 -9.24
C GLU A 239 -5.08 -22.36 -10.40
N GLN A 240 -4.63 -21.13 -10.24
CA GLN A 240 -4.05 -20.42 -11.37
C GLN A 240 -2.59 -20.66 -11.63
N LEU A 241 -1.77 -20.58 -10.60
CA LEU A 241 -0.34 -20.68 -10.82
C LEU A 241 0.19 -22.08 -10.68
N GLY A 242 -0.66 -22.98 -10.19
CA GLY A 242 -0.28 -24.36 -10.01
C GLY A 242 0.58 -24.67 -8.80
N THR A 243 0.29 -25.82 -8.22
CA THR A 243 1.01 -26.39 -7.09
C THR A 243 2.51 -26.16 -7.11
N PRO A 244 3.03 -25.50 -6.08
CA PRO A 244 4.45 -25.22 -5.92
C PRO A 244 5.28 -26.46 -5.62
N SER A 245 6.57 -26.36 -5.90
CA SER A 245 7.50 -27.43 -5.72
C SER A 245 7.56 -27.93 -4.27
N PRO A 246 7.85 -29.23 -4.11
CA PRO A 246 8.16 -29.91 -2.85
C PRO A 246 9.20 -29.15 -2.05
N GLU A 247 10.26 -28.73 -2.74
CA GLU A 247 11.33 -27.95 -2.15
C GLU A 247 10.78 -26.74 -1.35
N PHE A 248 9.62 -26.25 -1.78
CA PHE A 248 8.96 -25.13 -1.14
C PHE A 248 8.19 -25.62 0.09
N MET A 249 7.40 -26.65 -0.11
CA MET A 249 6.56 -27.22 0.93
C MET A 249 7.37 -27.46 2.17
N LYS A 250 8.63 -27.85 1.99
CA LYS A 250 9.56 -28.07 3.10
C LYS A 250 9.71 -26.82 3.97
N LYS A 251 9.53 -25.64 3.38
CA LYS A 251 9.63 -24.39 4.13
C LYS A 251 8.43 -24.23 5.03
N LEU A 252 7.37 -24.97 4.74
CA LEU A 252 6.11 -24.82 5.45
C LEU A 252 6.12 -25.45 6.79
N GLN A 253 5.48 -24.77 7.74
CA GLN A 253 5.26 -25.29 9.07
C GLN A 253 4.43 -26.53 9.01
N PRO A 254 4.82 -27.55 9.79
CA PRO A 254 4.40 -28.90 9.44
C PRO A 254 2.89 -29.07 9.47
N THR A 255 2.22 -28.25 10.27
CA THR A 255 0.76 -28.39 10.42
C THR A 255 0.03 -27.97 9.15
N VAL A 256 0.46 -26.83 8.62
CA VAL A 256 -0.09 -26.26 7.40
C VAL A 256 0.48 -27.09 6.27
N ARG A 257 1.78 -27.34 6.37
CA ARG A 257 2.47 -28.16 5.40
C ARG A 257 1.60 -29.33 5.00
N THR A 258 0.94 -29.96 5.97
CA THR A 258 0.13 -31.13 5.65
C THR A 258 -0.99 -30.77 4.71
N TYR A 259 -1.84 -29.84 5.14
CA TYR A 259 -3.03 -29.47 4.38
C TYR A 259 -2.68 -29.24 2.93
N VAL A 260 -1.61 -28.48 2.73
CA VAL A 260 -1.22 -28.03 1.41
C VAL A 260 -0.90 -29.21 0.50
N GLU A 261 0.05 -30.03 0.94
CA GLU A 261 0.36 -31.31 0.28
C GLU A 261 -0.92 -32.10 -0.03
N ASN A 262 -1.99 -31.86 0.74
CA ASN A 262 -3.29 -32.53 0.55
C ASN A 262 -4.17 -31.87 -0.47
N ARG A 263 -3.95 -30.58 -0.73
CA ARG A 263 -4.72 -29.92 -1.77
C ARG A 263 -4.58 -30.72 -3.05
N PRO A 264 -5.65 -30.79 -3.86
CA PRO A 264 -5.49 -31.35 -5.20
C PRO A 264 -4.32 -30.65 -5.93
N LYS A 265 -3.61 -31.38 -6.79
CA LYS A 265 -2.51 -30.79 -7.60
C LYS A 265 -3.05 -29.89 -8.71
N TYR A 266 -2.31 -28.85 -9.04
CA TYR A 266 -2.61 -28.20 -10.29
C TYR A 266 -1.35 -27.95 -11.14
N ALA A 267 -1.54 -27.97 -12.45
CA ALA A 267 -0.47 -27.59 -13.37
C ALA A 267 -0.43 -26.08 -13.44
N GLY A 268 -1.63 -25.49 -13.40
CA GLY A 268 -1.83 -24.05 -13.54
C GLY A 268 -1.51 -23.54 -14.93
N TYR A 269 -2.07 -22.39 -15.28
CA TYR A 269 -1.93 -21.88 -16.63
C TYR A 269 -0.63 -21.18 -16.86
N SER A 270 -0.21 -21.12 -18.13
CA SER A 270 0.97 -20.35 -18.50
C SER A 270 0.55 -18.87 -18.56
N PHE A 271 1.50 -17.95 -18.48
CA PHE A 271 1.09 -16.54 -18.33
C PHE A 271 0.43 -16.01 -19.55
N GLU A 272 1.01 -16.41 -20.68
CA GLU A 272 0.39 -16.32 -21.99
C GLU A 272 -1.07 -16.82 -21.99
N LYS A 273 -1.45 -17.69 -21.06
CA LYS A 273 -2.85 -18.12 -20.97
C LYS A 273 -3.66 -17.35 -19.95
N LEU A 274 -3.07 -17.01 -18.82
CA LEU A 274 -3.76 -16.20 -17.82
C LEU A 274 -3.92 -14.79 -18.33
N PHE A 275 -2.96 -14.41 -19.17
CA PHE A 275 -2.91 -13.10 -19.77
C PHE A 275 -2.56 -13.28 -21.22
N PRO A 276 -3.60 -13.44 -22.06
CA PRO A 276 -3.45 -13.50 -23.52
C PRO A 276 -3.36 -12.10 -24.14
N ASP A 277 -2.91 -12.03 -25.40
CA ASP A 277 -2.81 -10.75 -26.15
C ASP A 277 -4.13 -9.94 -26.17
N VAL A 278 -5.20 -10.53 -26.71
CA VAL A 278 -6.56 -10.00 -26.53
C VAL A 278 -6.67 -9.02 -25.37
N LEU A 279 -5.96 -9.28 -24.29
CA LEU A 279 -6.19 -8.51 -23.10
C LEU A 279 -5.48 -7.17 -23.08
N PHE A 280 -4.56 -6.97 -24.02
CA PHE A 280 -3.61 -5.86 -23.98
C PHE A 280 -3.86 -4.75 -25.01
N PRO A 281 -3.34 -3.52 -24.77
CA PRO A 281 -3.33 -2.48 -25.80
C PRO A 281 -2.48 -2.89 -27.01
N ALA A 282 -2.56 -2.09 -28.07
CA ALA A 282 -1.64 -2.26 -29.20
C ALA A 282 -0.22 -2.40 -28.64
N ASP A 283 0.55 -3.37 -29.14
CA ASP A 283 1.96 -3.48 -28.74
C ASP A 283 2.79 -2.25 -29.16
N SER A 284 3.64 -1.76 -28.26
CA SER A 284 4.00 -0.34 -28.27
C SER A 284 4.78 0.19 -29.45
N GLU A 285 4.73 1.53 -29.58
CA GLU A 285 5.43 2.33 -30.59
C GLU A 285 6.87 1.87 -30.70
N HIS A 286 7.63 1.96 -29.61
CA HIS A 286 8.88 1.20 -29.55
C HIS A 286 8.81 0.01 -28.62
N ASN A 287 9.87 -0.79 -28.72
CA ASN A 287 10.04 -2.04 -28.02
C ASN A 287 10.07 -1.86 -26.50
N LYS A 288 10.54 -2.89 -25.81
CA LYS A 288 10.42 -3.06 -24.36
C LYS A 288 8.94 -3.10 -23.94
N LEU A 289 8.16 -2.11 -24.34
CA LEU A 289 6.75 -1.99 -23.99
C LEU A 289 5.80 -2.94 -24.74
N LYS A 290 6.07 -4.25 -24.63
CA LYS A 290 5.30 -5.28 -25.34
C LYS A 290 4.37 -6.04 -24.40
N ALA A 291 3.22 -6.47 -24.92
CA ALA A 291 2.35 -7.36 -24.17
C ALA A 291 3.23 -8.41 -23.53
N SER A 292 3.99 -9.13 -24.34
CA SER A 292 4.83 -10.18 -23.82
C SER A 292 5.81 -9.72 -22.73
N GLN A 293 6.44 -8.56 -22.89
CA GLN A 293 7.35 -8.07 -21.86
C GLN A 293 6.64 -7.85 -20.53
N ALA A 294 5.43 -7.30 -20.61
CA ALA A 294 4.62 -7.09 -19.41
C ALA A 294 4.41 -8.44 -18.73
N ARG A 295 3.92 -9.39 -19.51
CA ARG A 295 3.77 -10.79 -19.15
C ARG A 295 5.02 -11.37 -18.48
N ASP A 296 6.16 -11.21 -19.12
CA ASP A 296 7.41 -11.64 -18.53
C ASP A 296 7.59 -11.11 -17.11
N LEU A 297 7.35 -9.80 -16.94
CA LEU A 297 7.49 -9.22 -15.63
C LEU A 297 6.42 -9.77 -14.69
N LEU A 298 5.17 -9.89 -15.15
CA LEU A 298 4.12 -10.50 -14.30
C LEU A 298 4.63 -11.85 -13.76
N SER A 299 5.32 -12.56 -14.64
CA SER A 299 5.73 -13.90 -14.37
C SER A 299 6.93 -13.95 -13.42
N LYS A 300 7.53 -12.81 -13.14
CA LYS A 300 8.63 -12.79 -12.18
C LYS A 300 8.18 -12.21 -10.86
N MET A 301 6.97 -11.64 -10.83
CA MET A 301 6.41 -11.12 -9.58
C MET A 301 5.47 -12.16 -8.99
N LEU A 302 4.43 -12.53 -9.75
CA LEU A 302 3.46 -13.53 -9.31
C LEU A 302 4.05 -14.95 -9.21
N VAL A 303 4.79 -15.14 -8.12
CA VAL A 303 5.61 -16.31 -7.96
C VAL A 303 5.54 -16.83 -6.54
N ILE A 304 4.91 -17.97 -6.40
CA ILE A 304 4.54 -18.45 -5.11
C ILE A 304 5.76 -18.47 -4.20
N ASP A 305 6.86 -18.95 -4.74
CA ASP A 305 8.01 -19.12 -3.90
C ASP A 305 8.68 -17.78 -3.66
N ALA A 306 8.49 -17.25 -2.46
CA ALA A 306 9.07 -15.95 -2.14
C ALA A 306 10.56 -15.86 -2.40
N SER A 307 11.28 -16.97 -2.36
CA SER A 307 12.72 -16.88 -2.53
C SER A 307 13.11 -16.88 -3.99
N LYS A 308 12.17 -17.26 -4.85
CA LYS A 308 12.41 -17.19 -6.30
C LYS A 308 11.76 -15.94 -6.91
N ARG A 309 11.56 -14.91 -6.10
CA ARG A 309 10.78 -13.78 -6.54
C ARG A 309 11.59 -12.51 -6.72
N ILE A 310 11.30 -11.78 -7.80
CA ILE A 310 12.01 -10.56 -8.22
C ILE A 310 11.95 -9.48 -7.14
N SER A 311 12.94 -8.59 -7.10
CA SER A 311 12.94 -7.48 -6.13
C SER A 311 12.49 -6.18 -6.77
N VAL A 312 12.13 -5.19 -5.96
CA VAL A 312 11.86 -3.86 -6.51
C VAL A 312 12.92 -3.46 -7.52
N ASP A 313 14.19 -3.53 -7.12
CA ASP A 313 15.27 -3.05 -7.96
C ASP A 313 15.29 -3.90 -9.20
N GLU A 314 15.11 -5.19 -9.01
CA GLU A 314 15.06 -6.09 -10.14
C GLU A 314 13.92 -5.67 -11.07
N ALA A 315 12.80 -5.32 -10.49
CA ALA A 315 11.65 -4.97 -11.28
C ALA A 315 11.91 -3.63 -11.96
N LEU A 316 12.56 -2.74 -11.22
CA LEU A 316 12.87 -1.43 -11.74
C LEU A 316 13.71 -1.51 -13.01
N GLN A 317 14.41 -2.62 -13.18
CA GLN A 317 15.30 -2.81 -14.31
C GLN A 317 14.58 -3.54 -15.41
N HIS A 318 13.44 -4.13 -15.11
CA HIS A 318 12.82 -4.92 -16.13
C HIS A 318 12.48 -4.06 -17.32
N PRO A 319 12.86 -4.51 -18.52
CA PRO A 319 12.65 -3.74 -19.76
C PRO A 319 11.34 -3.00 -19.78
N TYR A 320 10.27 -3.64 -19.31
CA TYR A 320 8.93 -3.04 -19.38
C TYR A 320 8.75 -1.87 -18.43
N ILE A 321 9.58 -1.78 -17.39
CA ILE A 321 9.49 -0.69 -16.42
C ILE A 321 10.57 0.36 -16.62
N ASN A 322 11.78 -0.09 -16.90
CA ASN A 322 12.93 0.78 -16.73
C ASN A 322 13.07 1.88 -17.81
N VAL A 323 12.25 1.77 -18.85
CA VAL A 323 12.16 2.83 -19.86
C VAL A 323 11.92 4.20 -19.25
N TRP A 324 11.34 4.24 -18.05
CA TRP A 324 11.12 5.50 -17.35
C TRP A 324 12.13 5.70 -16.28
N TYR A 325 13.18 4.89 -16.26
CA TYR A 325 14.00 4.87 -15.08
C TYR A 325 14.76 6.18 -14.92
N ASP A 326 14.71 6.76 -13.71
CA ASP A 326 15.41 8.01 -13.43
C ASP A 326 16.01 8.00 -12.03
N PRO A 327 17.35 7.96 -11.95
CA PRO A 327 18.08 7.74 -10.70
C PRO A 327 17.87 8.82 -9.68
N SER A 328 17.52 10.03 -10.13
CA SER A 328 17.26 11.12 -9.18
C SER A 328 16.04 10.80 -8.30
N GLU A 329 15.08 10.08 -8.88
CA GLU A 329 13.89 9.58 -8.15
C GLU A 329 14.15 8.29 -7.37
N ALA A 330 14.80 7.34 -8.07
CA ALA A 330 14.93 5.96 -7.62
C ALA A 330 16.00 5.84 -6.57
N GLU A 331 17.10 6.55 -6.75
CA GLU A 331 18.23 6.50 -5.82
C GLU A 331 18.31 7.65 -4.80
N ALA A 332 17.16 8.25 -4.51
CA ALA A 332 16.99 9.24 -3.45
C ALA A 332 17.36 8.72 -2.06
N PRO A 333 17.97 9.59 -1.22
CA PRO A 333 18.28 9.27 0.18
C PRO A 333 17.17 8.53 0.91
N PRO A 334 17.52 7.39 1.53
CA PRO A 334 16.62 6.70 2.44
C PRO A 334 16.03 7.65 3.46
N PRO A 335 14.76 7.45 3.82
CA PRO A 335 14.19 8.19 4.93
C PRO A 335 14.81 7.74 6.26
N LYS A 336 15.52 8.62 6.94
CA LYS A 336 16.21 8.21 8.18
C LYS A 336 15.20 8.02 9.32
N ILE A 337 15.20 6.82 9.89
CA ILE A 337 14.31 6.51 11.00
C ILE A 337 15.02 6.52 12.33
N PRO A 338 14.60 7.41 13.26
CA PRO A 338 15.03 7.38 14.65
C PRO A 338 14.95 5.96 15.28
N ASP A 339 16.11 5.38 15.56
CA ASP A 339 16.25 4.03 16.12
C ASP A 339 15.67 3.86 17.51
N LYS A 340 15.47 5.00 18.21
CA LYS A 340 14.59 5.08 19.38
C LYS A 340 13.50 4.04 19.19
N GLN A 341 12.79 4.17 18.07
CA GLN A 341 11.79 3.21 17.71
C GLN A 341 12.41 2.08 16.86
N LEU A 342 12.01 0.86 17.20
CA LEU A 342 12.20 -0.33 16.36
C LEU A 342 10.84 -1.09 16.31
N ASP A 343 10.08 -0.79 15.26
CA ASP A 343 8.60 -0.93 15.12
C ASP A 343 7.78 -2.16 15.62
N GLU A 344 8.01 -2.65 16.84
CA GLU A 344 7.22 -3.79 17.37
C GLU A 344 7.43 -4.26 18.83
N ARG A 345 7.74 -3.35 19.75
CA ARG A 345 7.92 -3.74 21.16
C ARG A 345 6.69 -3.44 22.03
N GLU A 346 6.50 -4.24 23.10
CA GLU A 346 5.32 -4.10 24.00
C GLU A 346 5.36 -2.84 24.87
N HIS A 347 4.18 -2.46 25.37
CA HIS A 347 3.99 -1.20 26.09
C HIS A 347 2.62 -1.18 26.72
N THR A 348 2.33 -0.17 27.53
CA THR A 348 1.02 -0.04 28.19
C THR A 348 0.24 1.23 27.84
N ILE A 349 -1.08 1.09 27.79
CA ILE A 349 -2.00 2.23 27.68
C ILE A 349 -1.34 3.56 28.02
N GLU A 350 -0.70 3.62 29.18
CA GLU A 350 -0.10 4.87 29.63
C GLU A 350 1.08 5.28 28.75
N GLU A 351 2.09 4.41 28.70
CA GLU A 351 3.29 4.68 27.92
C GLU A 351 2.95 4.89 26.46
N TRP A 352 1.85 4.28 26.03
CA TRP A 352 1.36 4.45 24.67
C TRP A 352 0.79 5.82 24.48
N LYS A 353 -0.20 6.16 25.30
CA LYS A 353 -0.83 7.48 25.29
C LYS A 353 0.19 8.61 25.27
N GLU A 354 1.30 8.41 25.99
CA GLU A 354 2.28 9.47 26.16
C GLU A 354 3.22 9.58 24.97
N LEU A 355 3.57 8.44 24.41
CA LEU A 355 4.37 8.42 23.20
C LEU A 355 3.70 9.18 22.08
N ILE A 356 2.46 8.80 21.80
CA ILE A 356 1.63 9.46 20.81
C ILE A 356 1.68 10.97 21.09
N TYR A 357 1.18 11.37 22.25
CA TYR A 357 1.06 12.80 22.58
C TYR A 357 2.40 13.53 22.38
N LYS A 358 3.49 12.93 22.86
CA LYS A 358 4.82 13.49 22.66
C LYS A 358 4.97 13.71 21.16
N GLU A 359 4.97 12.60 20.44
CA GLU A 359 5.11 12.59 18.99
C GLU A 359 4.17 13.56 18.26
N VAL A 360 2.95 13.74 18.77
CA VAL A 360 1.97 14.65 18.16
C VAL A 360 2.31 16.11 18.42
N MET A 361 2.73 16.34 19.68
CA MET A 361 3.04 17.68 20.21
C MET A 361 4.37 18.11 19.65
N ASP A 362 5.23 17.11 19.47
CA ASP A 362 6.43 17.24 18.69
C ASP A 362 6.12 17.79 17.28
N LEU A 363 4.99 17.34 16.72
CA LEU A 363 4.62 17.69 15.35
C LEU A 363 3.74 18.95 15.13
N GLU A 364 3.05 19.44 16.16
CA GLU A 364 2.30 20.69 16.03
C GLU A 364 3.23 21.90 15.87
N PRO B 2 10.26 7.65 -25.53
CA PRO B 2 8.91 7.38 -24.99
C PRO B 2 8.53 8.41 -23.93
N LYS B 3 7.77 9.44 -24.30
CA LYS B 3 7.54 10.54 -23.38
C LYS B 3 6.69 10.08 -22.19
N ARG B 4 7.07 10.47 -20.98
CA ARG B 4 6.18 10.28 -19.82
C ARG B 4 4.82 10.91 -20.08
N PRO B 5 3.76 10.29 -19.56
CA PRO B 5 2.44 10.89 -19.70
C PRO B 5 2.16 11.99 -18.67
N THR B 6 1.11 12.78 -18.92
CA THR B 6 0.78 13.98 -18.15
C THR B 6 -0.75 14.12 -18.03
N THR B 7 -1.46 13.16 -18.59
CA THR B 7 -2.91 13.19 -18.51
C THR B 7 -3.36 11.77 -18.20
N LEU B 8 -4.43 11.66 -17.41
CA LEU B 8 -5.01 10.37 -17.11
C LEU B 8 -6.49 10.57 -16.88
N ASN B 9 -7.28 9.74 -17.54
CA ASN B 9 -8.69 10.04 -17.73
C ASN B 9 -9.66 9.43 -16.70
N LEU B 10 -9.79 10.08 -15.55
CA LEU B 10 -10.76 9.67 -14.54
C LEU B 10 -12.17 10.18 -14.86
N PHE B 11 -12.48 10.28 -16.16
CA PHE B 11 -13.75 10.82 -16.70
C PHE B 11 -15.01 10.29 -16.01
S SO4 C . -10.51 -12.91 5.70
O1 SO4 C . -11.54 -12.03 5.16
O2 SO4 C . -9.68 -13.41 4.58
O3 SO4 C . -9.72 -12.15 6.73
O4 SO4 C . -11.26 -14.01 6.33
S SO4 D . -12.38 -30.18 -0.12
O1 SO4 D . -11.44 -29.52 -1.06
O2 SO4 D . -11.81 -31.49 0.29
O3 SO4 D . -12.56 -29.31 1.06
O4 SO4 D . -13.69 -30.42 -0.77
S SO4 E . 1.45 -5.61 13.30
O1 SO4 E . 1.42 -4.62 12.22
O2 SO4 E . 2.53 -6.61 13.03
O3 SO4 E . 1.72 -4.94 14.60
O4 SO4 E . 0.12 -6.26 13.32
#